data_7Z1S
#
_entry.id   7Z1S
#
_cell.length_a   86.674
_cell.length_b   86.674
_cell.length_c   55.896
_cell.angle_alpha   90.000
_cell.angle_beta   90.000
_cell.angle_gamma   120.000
#
_symmetry.space_group_name_H-M   'P 32 2 1'
#
loop_
_entity.id
_entity.type
_entity.pdbx_description
1 polymer SlPYL1-NIO
2 non-polymer 'NICOTINIC ACID'
3 non-polymer GLYCEROL
4 water water
#
_entity_poly.entity_id   1
_entity_poly.type   'polypeptide(L)'
_entity_poly.pdbx_seq_one_letter_code
;MDNKPETSLDNPVHQRSEPGSETGSSLSTITTHHLTVPPGLTPEEFQELSSSIAEFHSYRINPGQCSSLLAQRIHAPVET
VWTVVRRFDKPQTYKHFIKSCSVGEDFRMTVGSTRDVTVISGLPAATSTERLDILDDDRHVTGFSIIGGEHRLRNYRSVT
TVHGFERDGEIWTVVLESYVVDVPEGNTEEDTRLFADTVVKLNLQKLASVTETLAREAGNGSVNSRDASHRS
;
_entity_poly.pdbx_strand_id   A
#
loop_
_chem_comp.id
_chem_comp.type
_chem_comp.name
_chem_comp.formula
GOL non-polymer GLYCEROL 'C3 H8 O3'
NIO non-polymer 'NICOTINIC ACID' 'C6 H5 N O2'
#
# COMPACT_ATOMS: atom_id res chain seq x y z
N SER A 28 -9.55 0.52 22.72
CA SER A 28 -8.71 -0.34 21.89
C SER A 28 -9.45 -1.59 21.40
N THR A 29 -9.51 -1.74 20.09
CA THR A 29 -10.18 -2.87 19.45
C THR A 29 -9.27 -3.53 18.42
N ILE A 30 -9.74 -4.64 17.88
CA ILE A 30 -9.08 -5.33 16.78
C ILE A 30 -9.88 -5.07 15.50
N THR A 31 -9.17 -4.76 14.42
CA THR A 31 -9.85 -4.55 13.16
C THR A 31 -10.57 -5.83 12.71
N THR A 32 -11.53 -5.65 11.82
CA THR A 32 -12.40 -6.74 11.38
C THR A 32 -12.38 -6.90 9.86
N HIS A 33 -11.27 -6.53 9.22
CA HIS A 33 -11.14 -6.66 7.77
C HIS A 33 -11.33 -8.09 7.31
N HIS A 34 -11.11 -9.08 8.19
CA HIS A 34 -11.18 -10.48 7.78
C HIS A 34 -12.59 -11.03 7.82
N LEU A 35 -13.58 -10.21 8.12
CA LEU A 35 -14.96 -10.66 8.23
C LEU A 35 -15.89 -9.95 7.26
N THR A 36 -15.35 -9.09 6.41
CA THR A 36 -16.10 -8.33 5.43
C THR A 36 -15.48 -8.56 4.06
N VAL A 37 -16.31 -8.61 3.03
CA VAL A 37 -15.80 -8.80 1.67
C VAL A 37 -15.28 -7.44 1.19
N PRO A 38 -13.98 -7.31 0.92
CA PRO A 38 -13.46 -6.03 0.43
C PRO A 38 -14.07 -5.71 -0.92
N PRO A 39 -14.38 -4.44 -1.21
CA PRO A 39 -14.90 -4.09 -2.53
C PRO A 39 -13.95 -4.54 -3.63
N GLY A 40 -14.52 -4.99 -4.74
CA GLY A 40 -13.71 -5.48 -5.84
C GLY A 40 -13.16 -6.88 -5.64
N LEU A 41 -13.78 -7.66 -4.76
CA LEU A 41 -13.39 -9.04 -4.55
C LEU A 41 -14.67 -9.87 -4.52
N THR A 42 -14.60 -11.09 -5.04
CA THR A 42 -15.77 -11.97 -4.94
C THR A 42 -15.79 -12.60 -3.56
N PRO A 43 -16.99 -12.93 -3.06
CA PRO A 43 -17.06 -13.65 -1.78
C PRO A 43 -16.24 -14.93 -1.80
N GLU A 44 -16.21 -15.62 -2.94
CA GLU A 44 -15.43 -16.85 -3.04
C GLU A 44 -13.94 -16.55 -2.93
N GLU A 45 -13.48 -15.48 -3.61
CA GLU A 45 -12.10 -15.04 -3.42
C GLU A 45 -11.85 -14.71 -1.95
N PHE A 46 -12.80 -14.02 -1.31
CA PHE A 46 -12.58 -13.62 0.07
C PHE A 46 -12.40 -14.83 0.96
N GLN A 47 -13.17 -15.87 0.73
CA GLN A 47 -13.12 -16.92 1.72
C GLN A 47 -11.82 -17.71 1.57
N GLU A 48 -11.23 -17.69 0.39
CA GLU A 48 -9.91 -18.24 0.19
C GLU A 48 -8.83 -17.39 0.85
N LEU A 49 -9.09 -16.10 1.07
CA LEU A 49 -8.11 -15.17 1.61
C LEU A 49 -8.30 -14.89 3.09
N SER A 50 -9.30 -15.49 3.74
CA SER A 50 -9.64 -15.12 5.12
C SER A 50 -8.43 -15.24 6.04
N SER A 51 -7.74 -16.39 5.98
CA SER A 51 -6.61 -16.64 6.87
C SER A 51 -5.49 -15.63 6.66
N SER A 52 -5.19 -15.30 5.40
CA SER A 52 -4.17 -14.31 5.12
C SER A 52 -4.57 -12.94 5.63
N ILE A 53 -5.85 -12.56 5.48
CA ILE A 53 -6.32 -11.28 6.00
C ILE A 53 -6.19 -11.24 7.52
N ALA A 54 -6.47 -12.36 8.19
CA ALA A 54 -6.32 -12.38 9.64
C ALA A 54 -4.84 -12.25 10.03
N GLU A 55 -3.97 -12.97 9.32
CA GLU A 55 -2.56 -13.00 9.70
C GLU A 55 -1.86 -11.66 9.42
N PHE A 56 -2.09 -11.09 8.24
CA PHE A 56 -1.31 -9.93 7.78
C PHE A 56 -2.05 -8.61 7.77
N HIS A 57 -3.37 -8.60 7.75
CA HIS A 57 -4.15 -7.37 7.55
C HIS A 57 -5.08 -7.12 8.72
N SER A 58 -4.61 -7.44 9.92
CA SER A 58 -5.28 -7.10 11.16
C SER A 58 -4.40 -6.18 12.01
N TYR A 59 -5.06 -5.29 12.75
CA TYR A 59 -4.41 -4.25 13.53
C TYR A 59 -5.20 -4.03 14.81
N ARG A 60 -4.51 -3.74 15.91
CA ARG A 60 -5.17 -3.24 17.10
C ARG A 60 -5.18 -1.73 17.00
N ILE A 61 -6.38 -1.15 16.99
CA ILE A 61 -6.52 0.28 16.73
C ILE A 61 -7.04 0.96 17.98
N ASN A 62 -6.54 2.12 18.24
CA ASN A 62 -6.97 2.94 19.34
C ASN A 62 -7.89 4.03 18.82
N PRO A 63 -8.72 4.62 19.68
CA PRO A 63 -9.51 5.77 19.24
C PRO A 63 -8.57 6.82 18.69
N GLY A 64 -9.04 7.58 17.71
CA GLY A 64 -8.18 8.50 17.00
C GLY A 64 -7.42 7.89 15.85
N GLN A 65 -7.64 6.60 15.58
CA GLN A 65 -7.01 5.86 14.49
C GLN A 65 -8.09 5.26 13.62
N CYS A 66 -7.75 5.02 12.35
CA CYS A 66 -8.65 4.30 11.45
C CYS A 66 -7.84 3.36 10.58
N SER A 67 -8.53 2.40 9.98
CA SER A 67 -7.88 1.35 9.22
C SER A 67 -8.80 0.93 8.08
N SER A 68 -8.19 0.46 7.00
CA SER A 68 -8.94 0.11 5.80
C SER A 68 -8.23 -1.04 5.11
N LEU A 69 -8.99 -1.85 4.38
CA LEU A 69 -8.46 -2.91 3.52
C LEU A 69 -8.99 -2.73 2.12
N LEU A 70 -8.10 -2.72 1.14
CA LEU A 70 -8.43 -2.53 -0.27
C LEU A 70 -7.95 -3.74 -1.04
N ALA A 71 -8.68 -4.12 -2.11
CA ALA A 71 -8.28 -5.23 -2.95
C ALA A 71 -8.29 -4.82 -4.42
N GLN A 72 -7.46 -5.51 -5.20
CA GLN A 72 -7.38 -5.30 -6.64
C GLN A 72 -7.13 -6.62 -7.32
N ARG A 73 -7.99 -7.01 -8.28
CA ARG A 73 -7.72 -8.22 -9.07
C ARG A 73 -6.87 -7.84 -10.26
N ILE A 74 -5.86 -8.66 -10.55
CA ILE A 74 -4.89 -8.42 -11.62
C ILE A 74 -4.80 -9.68 -12.49
N HIS A 75 -4.99 -9.52 -13.80
CA HIS A 75 -4.88 -10.65 -14.72
C HIS A 75 -3.43 -10.78 -15.20
N ALA A 76 -2.61 -11.30 -14.29
CA ALA A 76 -1.18 -11.55 -14.49
C ALA A 76 -0.75 -12.56 -13.43
N PRO A 77 0.33 -13.29 -13.66
CA PRO A 77 0.80 -14.26 -12.66
C PRO A 77 1.40 -13.57 -11.44
N VAL A 78 1.41 -14.32 -10.34
CA VAL A 78 1.79 -13.74 -9.04
C VAL A 78 3.19 -13.15 -9.06
N GLU A 79 4.16 -13.88 -9.64
CA GLU A 79 5.52 -13.36 -9.61
C GLU A 79 5.66 -12.11 -10.46
N THR A 80 4.89 -11.98 -11.55
CA THR A 80 4.91 -10.72 -12.29
C THR A 80 4.48 -9.54 -11.41
N VAL A 81 3.40 -9.73 -10.63
CA VAL A 81 2.93 -8.64 -9.76
C VAL A 81 3.93 -8.41 -8.62
N TRP A 82 4.40 -9.50 -8.00
CA TRP A 82 5.29 -9.37 -6.85
C TRP A 82 6.57 -8.62 -7.20
N THR A 83 7.15 -8.93 -8.36
CA THR A 83 8.40 -8.26 -8.77
C THR A 83 8.25 -6.74 -8.72
N VAL A 84 7.08 -6.22 -9.06
CA VAL A 84 6.86 -4.77 -8.98
C VAL A 84 6.56 -4.35 -7.54
N VAL A 85 5.72 -5.10 -6.85
CA VAL A 85 5.28 -4.71 -5.51
C VAL A 85 6.45 -4.66 -4.55
N ARG A 86 7.46 -5.52 -4.78
CA ARG A 86 8.55 -5.70 -3.83
C ARG A 86 9.65 -4.66 -3.98
N ARG A 87 9.62 -3.83 -5.02
CA ARG A 87 10.70 -2.90 -5.30
C ARG A 87 10.53 -1.65 -4.42
N PHE A 88 10.91 -1.79 -3.16
CA PHE A 88 10.83 -0.68 -2.22
C PHE A 88 11.51 0.58 -2.73
N ASP A 89 12.55 0.44 -3.52
CA ASP A 89 13.29 1.62 -3.96
C ASP A 89 12.68 2.29 -5.19
N LYS A 90 11.62 1.75 -5.77
CA LYS A 90 11.03 2.32 -6.99
C LYS A 90 9.51 2.40 -6.89
N PRO A 91 8.99 3.10 -5.87
CA PRO A 91 7.53 3.18 -5.71
C PRO A 91 6.87 3.89 -6.89
N GLN A 92 7.62 4.75 -7.59
CA GLN A 92 7.11 5.51 -8.73
C GLN A 92 6.65 4.62 -9.86
N THR A 93 7.06 3.36 -9.85
CA THR A 93 6.66 2.47 -10.94
C THR A 93 5.16 2.23 -10.96
N TYR A 94 4.52 2.13 -9.78
CA TYR A 94 3.07 1.93 -9.74
C TYR A 94 2.31 3.03 -9.01
N LYS A 95 2.99 3.92 -8.29
CA LYS A 95 2.30 4.89 -7.46
C LYS A 95 2.19 6.23 -8.17
N HIS A 96 1.06 6.87 -7.96
CA HIS A 96 0.84 8.19 -8.53
C HIS A 96 1.41 9.25 -7.61
N PHE A 97 1.68 10.40 -8.19
CA PHE A 97 2.09 11.56 -7.40
C PHE A 97 3.50 11.46 -6.82
N ILE A 98 4.35 10.57 -7.33
CA ILE A 98 5.74 10.48 -6.88
C ILE A 98 6.60 11.32 -7.82
N LYS A 99 7.26 12.33 -7.26
CA LYS A 99 8.20 13.08 -8.09
C LYS A 99 9.54 12.36 -8.21
N SER A 100 9.97 11.68 -7.14
CA SER A 100 11.27 11.04 -7.10
C SER A 100 11.34 10.17 -5.86
N CYS A 101 12.24 9.20 -5.89
CA CYS A 101 12.51 8.38 -4.72
C CYS A 101 14.01 8.19 -4.61
N SER A 102 14.56 8.47 -3.43
CA SER A 102 15.99 8.37 -3.17
C SER A 102 16.20 7.35 -2.07
N VAL A 103 17.17 6.45 -2.26
CA VAL A 103 17.61 5.52 -1.20
C VAL A 103 19.10 5.70 -0.99
N GLY A 104 19.65 5.02 0.02
CA GLY A 104 21.06 5.16 0.36
C GLY A 104 21.97 4.74 -0.78
N GLU A 105 23.26 4.99 -0.58
CA GLU A 105 24.23 4.61 -1.62
C GLU A 105 24.45 3.10 -1.63
N ASP A 106 24.59 2.47 -0.45
CA ASP A 106 24.65 1.02 -0.34
C ASP A 106 23.32 0.45 0.16
N PHE A 107 22.23 0.89 -0.46
CA PHE A 107 20.91 0.38 -0.10
C PHE A 107 20.79 -1.09 -0.48
N ARG A 108 20.37 -1.91 0.48
CA ARG A 108 19.94 -3.27 0.22
C ARG A 108 18.53 -3.44 0.74
N MET A 109 17.82 -4.39 0.15
CA MET A 109 16.38 -4.51 0.32
C MET A 109 16.10 -5.25 1.63
N THR A 110 16.37 -4.56 2.74
CA THR A 110 16.40 -5.17 4.06
C THR A 110 15.49 -4.42 5.03
N VAL A 111 14.83 -5.16 5.92
CA VAL A 111 13.92 -4.54 6.87
C VAL A 111 14.65 -3.51 7.72
N GLY A 112 13.98 -2.38 7.99
CA GLY A 112 14.57 -1.27 8.69
C GLY A 112 15.19 -0.22 7.80
N SER A 113 15.41 -0.54 6.53
CA SER A 113 15.91 0.40 5.55
C SER A 113 14.86 1.46 5.26
N THR A 114 15.31 2.65 4.83
CA THR A 114 14.39 3.73 4.53
C THR A 114 14.56 4.24 3.10
N ARG A 115 13.53 4.96 2.63
CA ARG A 115 13.54 5.66 1.36
C ARG A 115 12.99 7.06 1.60
N ASP A 116 13.46 8.01 0.80
CA ASP A 116 12.97 9.38 0.86
C ASP A 116 12.16 9.60 -0.41
N VAL A 117 10.85 9.74 -0.29
CA VAL A 117 9.96 9.93 -1.42
C VAL A 117 9.52 11.38 -1.48
N THR A 118 9.57 11.96 -2.67
CA THR A 118 9.06 13.32 -2.87
C THR A 118 7.68 13.23 -3.52
N VAL A 119 6.66 13.60 -2.77
CA VAL A 119 5.27 13.44 -3.21
C VAL A 119 4.81 14.72 -3.89
N ILE A 120 3.92 14.54 -4.88
N ILE A 120 3.76 14.59 -4.70
CA ILE A 120 3.37 15.63 -5.69
CA ILE A 120 3.09 15.77 -5.26
C ILE A 120 2.16 16.18 -4.96
C ILE A 120 1.59 15.57 -5.25
N SER A 121 2.37 17.29 -4.24
N SER A 121 1.04 15.03 -4.16
CA SER A 121 1.38 17.83 -3.31
CA SER A 121 -0.42 15.11 -4.09
C SER A 121 0.72 19.12 -3.76
C SER A 121 -0.92 16.53 -3.77
N GLY A 122 1.25 19.79 -4.79
N GLY A 122 0.01 17.49 -3.80
CA GLY A 122 0.91 21.18 -5.03
CA GLY A 122 -0.29 18.88 -3.55
C GLY A 122 1.53 22.15 -4.05
C GLY A 122 0.91 19.73 -3.90
N LEU A 123 2.24 21.65 -3.05
N LEU A 123 0.63 20.98 -4.29
CA LEU A 123 2.93 22.43 -2.05
CA LEU A 123 1.71 21.96 -4.45
C LEU A 123 4.43 22.43 -2.29
C LEU A 123 2.69 21.89 -3.28
N PRO A 124 5.18 23.27 -1.56
N PRO A 124 2.26 21.95 -2.03
CA PRO A 124 6.61 23.37 -1.81
CA PRO A 124 3.18 21.64 -0.92
C PRO A 124 7.33 22.05 -1.54
C PRO A 124 3.85 20.30 -1.11
N ALA A 125 8.12 21.62 -2.52
N ALA A 125 4.81 20.21 -2.03
CA ALA A 125 9.06 20.51 -2.43
CA ALA A 125 5.52 18.94 -2.23
C ALA A 125 9.31 20.03 -1.01
C ALA A 125 5.94 18.40 -0.87
N ALA A 126 9.23 18.72 -0.79
N ALA A 126 5.94 17.09 -0.70
CA ALA A 126 9.53 18.15 0.51
CA ALA A 126 6.25 16.50 0.60
C ALA A 126 9.80 16.67 0.32
C ALA A 126 7.37 15.49 0.45
N THR A 127 9.89 15.93 1.42
N THR A 127 8.43 15.68 1.23
CA THR A 127 10.16 14.51 1.33
CA THR A 127 9.57 14.76 1.25
C THR A 127 9.46 13.77 2.46
C THR A 127 9.38 13.82 2.43
N SER A 128 8.89 12.61 2.13
CA SER A 128 8.41 11.68 3.12
C SER A 128 9.42 10.56 3.30
N THR A 129 9.85 10.33 4.54
CA THR A 129 10.78 9.26 4.85
C THR A 129 9.93 8.05 5.19
N GLU A 130 10.21 6.91 4.55
CA GLU A 130 9.40 5.71 4.70
C GLU A 130 10.31 4.55 5.05
N ARG A 131 9.88 3.74 6.01
CA ARG A 131 10.65 2.61 6.50
C ARG A 131 10.06 1.31 5.97
N LEU A 132 10.91 0.43 5.48
CA LEU A 132 10.48 -0.91 5.08
C LEU A 132 10.34 -1.78 6.32
N ASP A 133 9.10 -2.23 6.61
CA ASP A 133 8.79 -3.01 7.80
C ASP A 133 8.84 -4.50 7.60
N ILE A 134 8.42 -4.97 6.44
CA ILE A 134 8.29 -6.38 6.14
C ILE A 134 8.78 -6.61 4.73
N LEU A 135 9.42 -7.76 4.51
CA LEU A 135 9.73 -8.22 3.17
C LEU A 135 9.84 -9.74 3.26
N ASP A 136 8.88 -10.45 2.68
CA ASP A 136 8.88 -11.91 2.68
C ASP A 136 8.69 -12.38 1.24
N ASP A 137 9.79 -12.69 0.55
CA ASP A 137 9.71 -13.11 -0.84
C ASP A 137 9.03 -14.47 -1.02
N ASP A 138 8.94 -15.29 0.02
CA ASP A 138 8.31 -16.61 -0.14
C ASP A 138 6.79 -16.50 -0.03
N ARG A 139 6.30 -15.66 0.88
CA ARG A 139 4.87 -15.50 1.13
C ARG A 139 4.29 -14.27 0.44
N HIS A 140 5.13 -13.51 -0.27
CA HIS A 140 4.70 -12.30 -0.99
C HIS A 140 4.02 -11.28 -0.07
N VAL A 141 4.74 -10.89 0.99
CA VAL A 141 4.27 -9.88 1.93
C VAL A 141 5.30 -8.76 2.02
N THR A 142 4.82 -7.51 2.01
CA THR A 142 5.68 -6.36 2.28
C THR A 142 4.87 -5.31 3.01
N GLY A 143 5.56 -4.35 3.60
CA GLY A 143 4.90 -3.24 4.26
C GLY A 143 5.87 -2.16 4.63
N PHE A 144 5.33 -0.97 4.86
CA PHE A 144 6.16 0.20 5.12
C PHE A 144 5.44 1.11 6.08
N SER A 145 6.21 2.04 6.68
CA SER A 145 5.70 3.01 7.61
C SER A 145 6.20 4.38 7.18
N ILE A 146 5.36 5.41 7.29
CA ILE A 146 5.79 6.78 7.04
C ILE A 146 6.34 7.33 8.35
N ILE A 147 7.61 7.69 8.36
CA ILE A 147 8.26 8.06 9.60
C ILE A 147 8.77 9.50 9.58
N GLY A 148 8.28 10.30 8.64
N GLY A 148 8.32 10.31 8.61
CA GLY A 148 8.62 11.71 8.59
CA GLY A 148 8.72 11.70 8.59
C GLY A 148 8.08 12.37 7.33
C GLY A 148 8.22 12.50 7.41
N GLY A 149 7.71 13.64 7.44
N GLY A 149 7.32 11.90 6.62
CA GLY A 149 7.19 14.37 6.31
CA GLY A 149 6.79 12.59 5.44
C GLY A 149 5.68 14.53 6.34
C GLY A 149 6.33 14.01 5.71
N GLU A 150 4.96 13.65 5.63
N GLU A 150 5.82 14.27 6.91
CA GLU A 150 3.52 13.77 5.41
CA GLU A 150 5.53 15.64 7.32
C GLU A 150 2.73 13.89 6.72
C GLU A 150 4.18 16.11 6.78
N HIS A 151 2.47 15.13 7.16
N HIS A 151 3.13 15.29 6.96
CA HIS A 151 1.77 15.33 8.43
CA HIS A 151 1.83 15.61 6.39
C HIS A 151 0.32 14.86 8.37
C HIS A 151 0.69 15.01 7.21
N ARG A 152 -0.25 14.77 7.17
N ARG A 152 -0.41 14.70 6.53
CA ARG A 152 -1.63 14.27 7.04
CA ARG A 152 -1.65 14.24 7.12
C ARG A 152 -1.71 12.78 7.31
C ARG A 152 -1.67 12.74 7.37
N LEU A 153 -0.60 12.06 7.22
N LEU A 153 -0.54 12.05 7.14
CA LEU A 153 -0.56 10.63 7.45
CA LEU A 153 -0.51 10.63 7.42
C LEU A 153 0.52 10.35 8.50
C LEU A 153 0.51 10.32 8.51
N ARG A 154 0.32 10.89 9.71
CA ARG A 154 1.18 10.54 10.82
C ARG A 154 0.82 9.13 11.27
N ASN A 155 1.82 8.32 11.56
CA ASN A 155 1.59 6.97 12.10
C ASN A 155 0.97 6.08 11.04
N TYR A 156 1.11 6.45 9.78
CA TYR A 156 0.68 5.58 8.69
C TYR A 156 1.53 4.32 8.61
N ARG A 157 0.88 3.16 8.48
CA ARG A 157 1.56 1.90 8.29
C ARG A 157 0.69 1.04 7.39
N SER A 158 1.28 0.42 6.38
CA SER A 158 0.48 -0.43 5.49
C SER A 158 1.19 -1.76 5.27
N VAL A 159 0.41 -2.77 4.83
CA VAL A 159 0.91 -4.08 4.47
C VAL A 159 0.25 -4.42 3.15
N THR A 160 1.05 -4.93 2.20
CA THR A 160 0.56 -5.39 0.90
C THR A 160 0.96 -6.85 0.74
N THR A 161 -0.02 -7.66 0.33
CA THR A 161 0.20 -9.09 0.09
C THR A 161 -0.30 -9.40 -1.32
N VAL A 162 0.26 -10.46 -1.91
CA VAL A 162 -0.02 -10.83 -3.30
C VAL A 162 -0.38 -12.30 -3.29
N HIS A 163 -1.44 -12.66 -4.00
CA HIS A 163 -2.04 -14.00 -3.89
C HIS A 163 -2.40 -14.52 -5.26
N GLY A 164 -2.01 -15.77 -5.52
CA GLY A 164 -2.32 -16.40 -6.80
C GLY A 164 -3.61 -17.18 -6.71
N PHE A 165 -4.39 -17.12 -7.79
CA PHE A 165 -5.61 -17.89 -7.92
C PHE A 165 -5.57 -18.72 -9.19
N GLU A 166 -6.24 -19.87 -9.13
CA GLU A 166 -6.38 -20.73 -10.29
C GLU A 166 -7.79 -21.29 -10.33
N ARG A 167 -8.35 -21.36 -11.54
CA ARG A 167 -9.66 -21.96 -11.79
C ARG A 167 -9.64 -22.57 -13.18
N ASP A 168 -9.64 -23.90 -13.24
CA ASP A 168 -9.73 -24.61 -14.52
C ASP A 168 -8.60 -24.20 -15.46
N GLY A 169 -7.39 -24.12 -14.90
CA GLY A 169 -6.23 -23.76 -15.68
C GLY A 169 -6.04 -22.28 -15.92
N GLU A 170 -7.03 -21.45 -15.61
CA GLU A 170 -6.84 -20.02 -15.71
C GLU A 170 -6.25 -19.54 -14.40
N ILE A 171 -5.41 -18.51 -14.47
CA ILE A 171 -4.77 -17.96 -13.28
C ILE A 171 -4.93 -16.44 -13.26
N TRP A 172 -5.04 -15.91 -12.04
CA TRP A 172 -5.09 -14.47 -11.88
C TRP A 172 -4.49 -14.18 -10.51
N THR A 173 -4.39 -12.88 -10.18
CA THR A 173 -3.76 -12.49 -8.94
C THR A 173 -4.71 -11.58 -8.18
N VAL A 174 -4.58 -11.55 -6.87
CA VAL A 174 -5.27 -10.55 -6.07
C VAL A 174 -4.22 -9.88 -5.19
N VAL A 175 -4.23 -8.55 -5.15
CA VAL A 175 -3.36 -7.81 -4.24
C VAL A 175 -4.27 -7.25 -3.18
N LEU A 176 -3.88 -7.41 -1.92
CA LEU A 176 -4.58 -6.82 -0.79
C LEU A 176 -3.65 -5.77 -0.18
N GLU A 177 -4.19 -4.60 0.12
CA GLU A 177 -3.42 -3.55 0.80
C GLU A 177 -4.25 -2.96 1.91
N SER A 178 -3.72 -2.94 3.13
CA SER A 178 -4.38 -2.38 4.29
C SER A 178 -3.46 -1.36 4.92
N TYR A 179 -4.05 -0.48 5.70
CA TYR A 179 -3.25 0.46 6.46
C TYR A 179 -3.92 0.74 7.79
N VAL A 180 -3.14 1.27 8.72
CA VAL A 180 -3.67 1.92 9.90
C VAL A 180 -3.02 3.30 9.94
N VAL A 181 -3.75 4.29 10.45
CA VAL A 181 -3.27 5.66 10.45
C VAL A 181 -3.95 6.46 11.54
N ASP A 182 -3.24 7.47 12.03
CA ASP A 182 -3.80 8.42 12.99
C ASP A 182 -4.66 9.44 12.25
N VAL A 183 -5.78 9.81 12.85
CA VAL A 183 -6.66 10.83 12.30
C VAL A 183 -6.21 12.19 12.84
N PRO A 184 -5.73 13.10 12.01
CA PRO A 184 -5.21 14.37 12.52
C PRO A 184 -6.25 15.10 13.37
N GLU A 185 -5.79 15.85 14.36
CA GLU A 185 -6.67 16.75 15.09
C GLU A 185 -7.38 17.68 14.10
N GLY A 186 -8.69 17.83 14.27
CA GLY A 186 -9.46 18.65 13.35
C GLY A 186 -9.78 17.97 12.04
N ASN A 187 -10.04 16.67 12.07
CA ASN A 187 -10.44 15.91 10.89
C ASN A 187 -11.39 14.82 11.35
N THR A 188 -12.43 14.56 10.57
CA THR A 188 -13.21 13.36 10.85
C THR A 188 -12.44 12.15 10.36
N GLU A 189 -12.77 10.99 10.92
CA GLU A 189 -12.21 9.76 10.35
C GLU A 189 -12.61 9.64 8.89
N GLU A 190 -13.87 9.93 8.59
CA GLU A 190 -14.40 9.71 7.24
C GLU A 190 -13.67 10.53 6.20
N ASP A 191 -13.11 11.68 6.58
CA ASP A 191 -12.27 12.41 5.61
C ASP A 191 -10.88 11.80 5.48
N THR A 192 -10.24 11.43 6.59
CA THR A 192 -8.96 10.74 6.48
C THR A 192 -9.09 9.45 5.66
N ARG A 193 -10.03 8.57 6.05
CA ARG A 193 -10.16 7.32 5.31
C ARG A 193 -10.37 7.57 3.84
N LEU A 194 -11.16 8.60 3.50
CA LEU A 194 -11.51 8.79 2.10
C LEU A 194 -10.30 9.21 1.28
N PHE A 195 -9.38 9.96 1.88
CA PHE A 195 -8.15 10.32 1.18
C PHE A 195 -7.23 9.10 1.03
N ALA A 196 -6.96 8.42 2.14
CA ALA A 196 -6.04 7.28 2.10
C ALA A 196 -6.59 6.16 1.21
N ASP A 197 -7.90 5.91 1.29
CA ASP A 197 -8.50 4.90 0.42
C ASP A 197 -8.36 5.29 -1.03
N THR A 198 -8.57 6.56 -1.35
CA THR A 198 -8.54 6.93 -2.74
C THR A 198 -7.13 6.74 -3.29
N VAL A 199 -6.12 7.11 -2.50
CA VAL A 199 -4.73 6.98 -2.94
C VAL A 199 -4.39 5.51 -3.18
N VAL A 200 -4.69 4.67 -2.20
CA VAL A 200 -4.39 3.24 -2.29
C VAL A 200 -5.11 2.62 -3.48
N LYS A 201 -6.41 2.88 -3.61
CA LYS A 201 -7.17 2.30 -4.73
C LYS A 201 -6.59 2.73 -6.08
N LEU A 202 -6.20 4.00 -6.21
CA LEU A 202 -5.65 4.47 -7.48
C LEU A 202 -4.30 3.83 -7.75
N ASN A 203 -3.48 3.70 -6.71
CA ASN A 203 -2.18 3.07 -6.88
C ASN A 203 -2.34 1.61 -7.28
N LEU A 204 -3.33 0.94 -6.72
CA LEU A 204 -3.53 -0.47 -7.03
C LEU A 204 -4.02 -0.61 -8.45
N GLN A 205 -4.80 0.36 -8.92
CA GLN A 205 -5.21 0.37 -10.32
C GLN A 205 -4.01 0.47 -11.25
N LYS A 206 -3.09 1.39 -10.95
CA LYS A 206 -1.85 1.50 -11.71
C LYS A 206 -1.03 0.23 -11.64
N LEU A 207 -0.93 -0.37 -10.46
CA LEU A 207 -0.21 -1.64 -10.36
C LEU A 207 -0.81 -2.67 -11.32
N ALA A 208 -2.13 -2.74 -11.37
CA ALA A 208 -2.78 -3.68 -12.27
C ALA A 208 -2.40 -3.38 -13.73
N SER A 209 -2.56 -2.12 -14.15
N SER A 209 -2.55 -2.13 -14.14
CA SER A 209 -2.25 -1.79 -15.54
CA SER A 209 -2.26 -1.80 -15.54
C SER A 209 -0.81 -2.10 -15.88
C SER A 209 -0.80 -2.09 -15.88
N VAL A 210 0.11 -1.67 -15.00
CA VAL A 210 1.53 -1.88 -15.22
C VAL A 210 1.83 -3.35 -15.40
N THR A 211 1.31 -4.19 -14.50
CA THR A 211 1.69 -5.61 -14.53
C THR A 211 0.90 -6.37 -15.59
N GLU A 212 -0.33 -5.95 -15.89
CA GLU A 212 -1.08 -6.59 -16.96
C GLU A 212 -0.45 -6.28 -18.32
N THR A 213 -0.03 -5.04 -18.53
CA THR A 213 0.74 -4.71 -19.72
C THR A 213 1.96 -5.62 -19.81
N LEU A 214 2.72 -5.72 -18.73
CA LEU A 214 3.88 -6.60 -18.71
C LEU A 214 3.50 -8.05 -19.04
N ALA A 215 2.37 -8.51 -18.48
CA ALA A 215 1.94 -9.89 -18.73
C ALA A 215 1.48 -10.09 -20.18
N ARG A 216 0.67 -9.15 -20.70
CA ARG A 216 0.19 -9.26 -22.08
C ARG A 216 1.33 -9.19 -23.08
N GLU A 217 2.36 -8.41 -22.78
CA GLU A 217 3.42 -8.12 -23.75
C GLU A 217 4.58 -9.10 -23.62
N ALA A 218 5.10 -9.30 -22.41
CA ALA A 218 6.22 -10.21 -22.22
C ALA A 218 5.72 -11.65 -22.15
N NIO B . -0.86 8.25 1.14
C1 NIO B . 0.16 7.53 0.64
C2 NIO B . 0.08 6.16 0.41
C3 NIO B . -1.13 5.54 0.71
C4 NIO B . -2.19 6.26 1.21
C5 NIO B . -2.00 7.62 1.40
C6 NIO B . 1.22 5.38 -0.14
O1 NIO B . 2.27 5.93 -0.47
O2 NIO B . 1.02 4.09 -0.24
H1 NIO B . 0.96 7.95 0.45
H3 NIO B . -1.23 4.62 0.56
H4 NIO B . -2.99 5.86 1.40
H5 NIO B . -2.71 8.11 1.74
C1 GOL C . -10.00 -20.75 -5.59
O1 GOL C . -10.60 -20.97 -6.87
C2 GOL C . -8.70 -21.66 -5.52
O2 GOL C . -8.88 -22.87 -6.16
C3 GOL C . -7.59 -20.77 -6.16
O3 GOL C . -6.52 -20.77 -5.25
H11 GOL C . -10.59 -20.98 -4.86
H12 GOL C . -9.75 -19.82 -5.45
HO1 GOL C . -10.13 -20.55 -7.47
H2 GOL C . -8.46 -21.89 -4.61
HO2 GOL C . -9.10 -22.70 -6.94
H31 GOL C . -7.95 -19.88 -6.33
H32 GOL C . -7.36 -21.12 -7.03
HO3 GOL C . -6.69 -20.16 -4.66
#